data_9IOU
#
_entry.id   9IOU
#
loop_
_entity.id
_entity.type
_entity.pdbx_description
1 polymer "RNA (5'-R(*GP*GP*AP*UP*CP*GP*UP*UP*UP*CP*GP*AP*CP*GP*GP*AP*UP*CP*C)-3')"
2 non-polymer 1-cyclopropyl-N-[3-(dimethylamino)propyl]-7-(4-ethylpiperazin-1-yl)-6-fluoranyl-4-oxidanylidene-quinoline-3-carboxamide
#
_entity_poly.entity_id   1
_entity_poly.type   'polyribonucleotide'
_entity_poly.pdbx_seq_one_letter_code
;GGAUCGUUUCGACGGAUCC
;
_entity_poly.pdbx_strand_id   A
#
loop_
_chem_comp.id
_chem_comp.type
_chem_comp.name
_chem_comp.formula
53D non-polymer 1-cyclopropyl-N-[3-(dimethylamino)propyl]-7-(4-ethylpiperazin-1-yl)-6-fluoranyl-4-oxidanylidene-quinoline-3-carboxamide 'C24 H34 F N5 O2'
A RNA linking ADENOSINE-5'-MONOPHOSPHATE 'C10 H14 N5 O7 P'
C RNA linking CYTIDINE-5'-MONOPHOSPHATE 'C9 H14 N3 O8 P'
G RNA linking GUANOSINE-5'-MONOPHOSPHATE 'C10 H14 N5 O8 P'
U RNA linking URIDINE-5'-MONOPHOSPHATE 'C9 H13 N2 O9 P'
#
# COMPACT_ATOMS: atom_id res chain seq x y z
C5 53D B . -1.28 -1.01 -1.36
C2 53D B . 0.30 -0.16 0.85
C7 53D B . 1.12 0.24 1.90
N14 53D B . 1.96 1.98 3.45
C13 53D B . 1.02 -2.95 2.30
C8 53D B . 1.07 1.55 2.32
C4 53D B . -1.42 0.35 -0.92
C3 53D B . -0.56 0.75 0.22
C21 53D B . 5.62 4.45 6.34
C20 53D B . 4.29 3.75 6.51
C18 53D B . 2.82 1.87 5.73
N17 53D B . 3.99 2.75 5.37
C16 53D B . 3.82 3.46 4.04
C19 53D B . 2.36 1.01 4.56
C15 53D B . 3.27 2.53 2.97
C12 53D B . 0.64 -3.90 1.22
C28 53D B . -4.85 -0.34 -7.51
C29 53D B . -4.99 -2.42 -8.87
N27 53D B . -4.85 -1.85 -7.47
C26 53D B . -3.62 -2.42 -6.78
C25 53D B . -3.16 -1.56 -5.57
C24 53D B . -2.00 -2.27 -4.86
O22 53D B . -3.02 -2.30 -2.30
N23 53D B . -1.47 -1.51 -3.74
C11 53D B . 1.12 -2.57 0.84
C22 53D B . -1.99 -1.63 -2.51
O4 53D B . -2.16 1.19 -1.43
F9 53D B . 0.19 3.75 2.15
C6 53D B . -0.44 -1.82 -0.68
N1 53D B . 0.31 -1.46 0.38
C10 53D B . -0.61 2.07 0.66
C9 53D B . 0.19 2.45 1.70
H7 53D B . 1.79 -0.45 2.39
H132 53D B . 2.04 -3.12 2.73
H131 53D B . 0.38 -2.64 3.18
H211 53D B . 5.76 4.71 5.26
H213 53D B . 6.45 3.79 6.67
H212 53D B . 5.63 5.39 6.94
H202 53D B . 3.48 4.51 6.54
H201 53D B . 4.33 3.17 7.46
H181 53D B . 3.13 1.20 6.56
H182 53D B . 1.97 2.52 6.04
H161 53D B . 3.09 4.29 4.18
H162 53D B . 4.81 3.85 3.71
H192 53D B . 3.24 0.42 4.24
H191 53D B . 1.53 0.33 4.88
H152 53D B . 3.09 3.06 2.01
H151 53D B . 3.99 1.69 2.82
H121 53D B . 1.25 -4.77 1.06
H122 53D B . -0.28 -4.45 1.06
H282 53D B . -5.58 0.01 -8.27
H281 53D B . -5.14 0.05 -6.52
H283 53D B . -3.83 0.03 -7.78
H291 53D B . -5.37 -3.46 -8.81
H293 53D B . -4.01 -2.41 -9.37
H292 53D B . -5.71 -1.79 -9.45
H261 53D B . -3.89 -3.45 -6.44
H262 53D B . -2.80 -2.51 -7.56
H252 53D B . -2.83 -0.53 -5.88
H251 53D B . -4.00 -1.39 -4.85
H242 53D B . -1.17 -2.40 -5.59
H241 53D B . -2.36 -3.26 -4.48
H23 53D B . -0.64 -0.94 -3.88
H11 53D B . 1.96 -2.21 0.24
H6 53D B . -0.30 -2.88 -0.97
H10 53D B . -1.30 2.78 0.15
C5 53D B . -1.29 -0.79 -1.49
C2 53D B . 0.25 -0.06 0.77
C7 53D B . 1.07 0.30 1.85
N14 53D B . 1.92 1.94 3.46
C13 53D B . 0.93 -2.89 2.14
C8 53D B . 1.03 1.59 2.32
C4 53D B . -1.42 0.56 -1.01
C3 53D B . -0.57 0.89 0.16
C21 53D B . 2.38 5.54 5.70
C20 53D B . 1.90 4.10 5.51
C18 53D B . 2.59 1.70 5.80
N17 53D B . 3.08 3.10 5.49
C16 53D B . 3.90 3.21 4.22
C19 53D B . 2.24 0.91 4.55
C15 53D B . 3.28 2.45 3.04
C12 53D B . 0.54 -3.80 1.04
C28 53D B . -3.38 -0.17 -8.84
C29 53D B . -5.32 -0.54 -7.34
N27 53D B . -4.17 -1.19 -8.07
C26 53D B . -3.31 -2.01 -7.12
C25 53D B . -2.81 -1.16 -5.92
C24 53D B . -1.93 -2.05 -5.01
O22 53D B . -3.11 -1.88 -2.53
N23 53D B . -1.38 -1.34 -3.86
C11 53D B . 1.05 -2.47 0.69
C22 53D B . -2.01 -1.35 -2.68
O4 53D B . -2.14 1.43 -1.50
F9 53D B . 0.19 3.81 2.22
C6 53D B . -0.47 -1.64 -0.82
N1 53D B . 0.26 -1.34 0.25
C10 53D B . -0.61 2.20 0.64
C9 53D B . 0.19 2.53 1.70
H7 53D B . 1.74 -0.41 2.33
H132 53D B . 1.95 -3.08 2.57
H131 53D B . 0.31 -2.61 3.03
H211 53D B . 3.30 5.71 5.10
H213 53D B . 2.58 5.73 6.78
H212 53D B . 1.57 6.25 5.36
H202 53D B . 1.34 4.04 4.55
H201 53D B . 1.25 3.85 6.38
H181 53D B . 3.38 1.15 6.36
H182 53D B . 1.67 1.79 6.41
H161 53D B . 3.95 4.29 3.93
H162 53D B . 4.92 2.80 4.40
H192 53D B . 3.17 0.36 4.26
H191 53D B . 1.42 0.19 4.76
H152 53D B . 3.13 3.10 2.16
H151 53D B . 3.93 1.58 2.79
H121 53D B . 1.12 -4.69 0.85
H122 53D B . -0.40 -4.32 0.88
H282 53D B . -3.31 0.78 -8.24
H281 53D B . -3.88 0.05 -9.81
H283 53D B . -2.35 -0.56 -9.03
H291 53D B . -5.64 -1.19 -6.50
H293 53D B . -5.00 0.44 -6.95
H292 53D B . -6.17 -0.40 -8.05
H261 53D B . -2.44 -2.39 -7.71
H262 53D B . -3.93 -2.88 -6.77
H252 53D B . -3.66 -0.75 -5.30
H251 53D B . -2.21 -0.27 -6.24
H242 53D B . -1.07 -2.41 -5.62
H241 53D B . -2.54 -2.90 -4.63
H23 53D B . -0.49 -0.87 -3.96
H11 53D B . 1.89 -2.11 0.11
H6 53D B . -0.35 -2.68 -1.15
H10 53D B . -1.28 2.94 0.16
C5 53D B . -1.36 -0.74 -1.37
C2 53D B . 0.26 0.00 0.84
C7 53D B . 1.10 0.37 1.90
N14 53D B . 2.01 2.03 3.47
C13 53D B . 0.90 -2.82 2.24
C8 53D B . 1.10 1.66 2.34
C4 53D B . -1.46 0.62 -0.91
C3 53D B . -0.58 0.97 0.24
C21 53D B . 5.94 3.60 6.88
C20 53D B . 4.46 3.63 6.55
C18 53D B . 2.89 1.83 5.75
N17 53D B . 4.09 2.68 5.38
C16 53D B . 3.93 3.44 4.08
C19 53D B . 2.40 1.02 4.56
C15 53D B . 3.34 2.56 2.99
C12 53D B . 0.47 -3.74 1.16
C28 53D B . -5.77 -6.23 -4.38
C29 53D B . -3.73 -5.83 -5.74
N27 53D B . -5.12 -5.34 -5.42
C26 53D B . -5.11 -3.87 -5.01
C25 53D B . -4.14 -3.60 -3.82
C24 53D B . -4.21 -2.10 -3.47
O22 53D B . -1.60 -1.24 -3.66
N23 53D B . -3.35 -1.76 -2.34
C11 53D B . 0.99 -2.42 0.78
C22 53D B . -2.10 -1.29 -2.53
O4 53D B . -2.17 1.50 -1.40
F9 53D B . 0.30 3.90 2.23
C6 53D B . -0.53 -1.59 -0.71
N1 53D B . 0.22 -1.28 0.35
C10 53D B . -0.57 2.27 0.69
C9 53D B . 0.25 2.61 1.74
H7 53D B . 1.76 -0.36 2.37
H132 53D B . 1.91 -3.01 2.65
H131 53D B . 0.28 -2.50 3.13
H211 53D B . 6.18 2.70 7.49
H213 53D B . 6.21 4.52 7.45
H212 53D B . 6.52 3.56 5.93
H202 53D B . 4.17 4.66 6.29
H201 53D B . 3.90 3.27 7.46
H181 53D B . 3.18 1.13 6.56
H182 53D B . 2.07 2.50 6.07
H161 53D B . 3.24 4.29 4.26
H162 53D B . 4.93 3.81 3.75
H192 53D B . 3.26 0.42 4.22
H191 53D B . 1.55 0.36 4.88
H152 53D B . 3.14 3.14 2.05
H151 53D B . 4.03 1.71 2.78
H121 53D B . 1.06 -4.63 0.98
H122 53D B . -0.46 -4.26 1.01
H282 53D B . -5.01 -6.53 -3.63
H281 53D B . -6.18 -7.14 -4.87
H283 53D B . -6.59 -5.67 -3.87
H291 53D B . -3.24 -6.19 -4.81
H293 53D B . -3.79 -6.66 -6.48
H292 53D B . -3.13 -4.99 -6.17
H261 53D B . -6.17 -3.62 -4.71
H262 53D B . -4.82 -3.28 -5.91
H252 53D B . -3.08 -3.87 -4.09
H251 53D B . -4.40 -4.22 -2.92
H242 53D B . -5.26 -1.87 -3.16
H241 53D B . -3.90 -1.49 -4.35
H23 53D B . -3.72 -1.81 -1.41
H11 53D B . 1.84 -2.08 0.18
H6 53D B . -0.44 -2.64 -1.02
H10 53D B . -1.24 3.02 0.21
C5 53D B . -1.34 -0.79 -1.62
C2 53D B . 0.21 -0.06 0.64
C7 53D B . 1.02 0.31 1.72
N14 53D B . 1.88 1.92 3.33
C13 53D B . 0.85 -2.89 2.00
C8 53D B . 1.00 1.59 2.18
C4 53D B . -1.46 0.57 -1.15
C3 53D B . -0.61 0.90 0.03
C21 53D B . 2.37 5.52 5.57
C20 53D B . 1.88 4.10 5.39
C18 53D B . 2.54 1.68 5.67
N17 53D B . 3.05 3.08 5.36
C16 53D B . 3.87 3.17 4.09
C19 53D B . 2.19 0.88 4.42
C15 53D B . 3.25 2.43 2.92
C12 53D B . 0.46 -3.81 0.91
C28 53D B . -4.39 1.27 -6.73
C29 53D B . -6.22 0.63 -5.18
N27 53D B . -5.10 0.12 -6.06
C26 53D B . -4.15 -0.77 -5.26
C25 53D B . -2.85 -1.12 -6.04
C24 53D B . -1.98 -2.04 -5.14
O22 53D B . -3.17 -1.85 -2.66
N23 53D B . -1.44 -1.32 -4.00
C11 53D B . 0.98 -2.47 0.57
C22 53D B . -2.06 -1.32 -2.81
O4 53D B . -2.17 1.45 -1.64
F9 53D B . 0.17 3.81 2.09
C6 53D B . -0.53 -1.64 -0.96
N1 53D B . 0.20 -1.34 0.13
C10 53D B . -0.64 2.20 0.51
C9 53D B . 0.16 2.53 1.58
H7 53D B . 1.68 -0.43 2.20
H132 53D B . 1.87 -3.09 2.44
H131 53D B . 0.23 -2.60 2.90
H211 53D B . 2.60 5.71 6.64
H213 53D B . 1.59 6.24 5.22
H212 53D B . 3.31 5.68 4.97
H202 53D B . 1.33 4.02 4.42
H201 53D B . 1.23 3.85 6.25
H181 53D B . 3.32 1.12 6.24
H182 53D B . 1.61 1.78 6.28
H161 53D B . 3.94 4.25 3.81
H162 53D B . 4.89 2.75 4.29
H192 53D B . 3.11 0.33 4.13
H191 53D B . 1.35 0.18 4.62
H152 53D B . 3.11 3.07 2.03
H151 53D B . 3.89 1.55 2.67
H121 53D B . 1.04 -4.69 0.73
H122 53D B . -0.47 -4.32 0.73
H282 53D B . -4.97 1.58 -7.63
H281 53D B . -3.37 0.96 -7.04
H283 53D B . -4.32 2.13 -6.03
H291 53D B . -7.12 0.82 -5.81
H293 53D B . -6.46 -0.13 -4.41
H292 53D B . -5.91 1.58 -4.69
H261 53D B . -4.73 -1.71 -5.03
H262 53D B . -3.92 -0.25 -4.29
H252 53D B . -2.27 -0.19 -6.29
H251 53D B . -3.08 -1.63 -7.02
H242 53D B . -1.12 -2.42 -5.73
H241 53D B . -2.62 -2.87 -4.75
H23 53D B . -0.53 -0.87 -4.09
H11 53D B . 1.83 -2.12 -0.01
H6 53D B . -0.41 -2.69 -1.28
H10 53D B . -1.30 2.95 0.02
C5 53D B . -1.34 -0.94 -1.48
C2 53D B . 0.19 -0.19 0.78
C7 53D B . 0.99 0.18 1.87
N14 53D B . 1.83 1.82 3.48
C13 53D B . 0.88 -3.03 2.17
C8 53D B . 0.95 1.46 2.32
C4 53D B . -1.47 0.40 -1.00
C3 53D B . -0.64 0.75 0.17
C21 53D B . 1.51 4.53 6.92
C20 53D B . 1.79 3.99 5.52
C18 53D B . 2.51 1.59 5.81
N17 53D B . 2.98 3.00 5.51
C16 53D B . 3.79 3.12 4.23
C19 53D B . 2.17 0.79 4.57
C15 53D B . 3.19 2.34 3.07
C12 53D B . 0.49 -3.94 1.07
C28 53D B . -3.44 -1.25 -7.95
C29 53D B . -5.05 0.36 -6.96
N27 53D B . -4.78 -1.10 -7.27
C26 53D B . -4.88 -1.95 -6.01
C25 53D B . -3.96 -1.44 -4.87
C24 53D B . -4.11 -2.37 -3.64
O22 53D B . -1.50 -1.43 -3.79
N23 53D B . -3.28 -2.00 -2.51
C11 53D B . 0.99 -2.60 0.72
C22 53D B . -2.04 -1.51 -2.67
O4 53D B . -2.20 1.26 -1.50
F9 53D B . 0.11 3.68 2.22
C6 53D B . -0.52 -1.79 -0.81
N1 53D B . 0.20 -1.48 0.27
C10 53D B . -0.69 2.06 0.64
C9 53D B . 0.11 2.39 1.71
H7 53D B . 1.66 -0.54 2.35
H132 53D B . 1.90 -3.21 2.60
H131 53D B . 0.25 -2.73 3.06
H211 53D B . 2.47 4.72 7.45
H213 53D B . 0.93 3.77 7.50
H212 53D B . 0.92 5.47 6.85
H202 53D B . 2.02 4.85 4.85
H201 53D B . 0.88 3.45 5.18
H181 53D B . 3.30 1.05 6.38
H182 53D B . 1.58 1.67 6.42
H161 53D B . 3.84 4.19 3.94
H162 53D B . 4.81 2.73 4.43
H192 53D B . 3.09 0.25 4.27
H191 53D B . 1.33 0.06 4.78
H152 53D B . 3.04 2.98 2.17
H151 53D B . 3.84 1.48 2.82
H121 53D B . 1.07 -4.82 0.88
H122 53D B . -0.44 -4.46 0.90
H282 53D B . -3.56 -1.03 -9.05
H281 53D B . -3.07 -2.29 -7.83
H283 53D B . -2.71 -0.54 -7.52
H291 53D B . -5.78 0.43 -6.13
H293 53D B . -4.10 0.85 -6.65
H292 53D B . -5.45 0.85 -7.87
H261 53D B . -4.59 -2.99 -6.31
H262 53D B . -5.96 -1.95 -5.70
H252 53D B . -4.22 -0.39 -4.56
H251 53D B . -2.88 -1.41 -5.17
H242 53D B . -3.82 -3.40 -3.96
H241 53D B . -5.18 -2.35 -3.31
H23 53D B . -3.67 -2.07 -1.58
H11 53D B . 1.84 -2.24 0.15
H6 53D B . -0.39 -2.83 -1.13
H10 53D B . -1.35 2.79 0.15
C5 53D B . -1.33 -0.74 -1.40
C2 53D B . 0.25 0.00 0.83
C7 53D B . 1.10 0.37 1.89
N14 53D B . 1.97 2.02 3.49
C13 53D B . 0.93 -2.83 2.19
C8 53D B . 1.07 1.65 2.36
C4 53D B . -1.44 0.61 -0.93
C3 53D B . -0.58 0.95 0.23
C21 53D B . 5.86 3.56 6.98
C20 53D B . 4.38 3.62 6.61
C18 53D B . 2.84 1.81 5.77
N17 53D B . 4.03 2.68 5.43
C16 53D B . 3.86 3.45 4.12
C19 53D B . 2.35 1.00 4.58
C15 53D B . 3.29 2.57 3.02
C12 53D B . 0.52 -3.75 1.11
C28 53D B . -3.80 0.24 -8.23
C29 53D B . -1.83 1.74 -8.22
N27 53D B . -2.76 0.91 -7.37
C26 53D B . -1.99 -0.06 -6.50
C25 53D B . -2.91 -1.10 -5.79
C24 53D B . -2.02 -2.02 -4.91
O22 53D B . -3.17 -1.82 -2.41
N23 53D B . -1.45 -1.30 -3.78
C11 53D B . 1.03 -2.42 0.76
C22 53D B . -2.06 -1.30 -2.58
O4 53D B . -2.17 1.48 -1.41
F9 53D B . 0.24 3.88 2.25
C6 53D B . -0.50 -1.59 -0.75
N1 53D B . 0.24 -1.28 0.32
C10 53D B . -0.59 2.26 0.70
C9 53D B . 0.22 2.59 1.75
H7 53D B . 1.76 -0.36 2.37
H132 53D B . 1.95 -3.03 2.62
H131 53D B . 0.32 -2.54 3.10
H211 53D B . 6.04 2.65 7.60
H213 53D B . 6.13 4.48 7.55
H212 53D B . 6.46 3.50 6.05
H202 53D B . 4.12 4.66 6.33
H201 53D B . 3.79 3.29 7.49
H181 53D B . 3.13 1.12 6.58
H182 53D B . 2.01 2.48 6.10
H161 53D B . 3.16 4.28 4.31
H162 53D B . 4.86 3.83 3.80
H192 53D B . 3.23 0.41 4.23
H191 53D B . 1.51 0.33 4.89
H152 53D B . 3.10 3.15 2.09
H151 53D B . 3.99 1.73 2.82
H121 53D B . 1.10 -4.63 0.91
H122 53D B . -0.41 -4.26 0.95
H282 53D B . -3.34 -0.09 -9.19
H281 53D B . -4.63 0.96 -8.46
H283 53D B . -4.22 -0.64 -7.70
H291 53D B . -2.30 2.72 -8.43
H293 53D B . -0.87 1.89 -7.67
H292 53D B . -1.63 1.21 -9.17
H261 53D B . -1.44 0.54 -5.74
H262 53D B . -1.24 -0.58 -7.16
H252 53D B . -3.48 -1.73 -6.54
H251 53D B . -3.68 -0.61 -5.15
H242 53D B . -1.16 -2.36 -5.52
H241 53D B . -2.62 -2.87 -4.51
H23 53D B . -0.57 -0.84 -3.89
H11 53D B . 1.87 -2.07 0.16
H6 53D B . -0.40 -2.63 -1.07
H10 53D B . -1.27 3.00 0.22
C5 53D B . -1.37 -0.86 -1.52
C2 53D B . 0.23 -0.08 0.69
C7 53D B . 1.07 0.30 1.75
N14 53D B . 1.96 1.97 3.31
C13 53D B . 0.90 -2.87 2.11
C8 53D B . 1.05 1.59 2.18
C4 53D B . -1.48 0.50 -1.07
C3 53D B . -0.61 0.86 0.07
C21 53D B . 1.69 4.65 6.72
C20 53D B . 1.99 4.18 5.31
C18 53D B . 2.69 1.76 5.63
N17 53D B . 3.18 3.17 5.28
C16 53D B . 3.96 3.25 3.98
C19 53D B . 2.31 0.95 4.40
C15 53D B . 3.30 2.47 2.85
C12 53D B . 0.49 -3.82 1.04
C28 53D B . 0.19 -4.71 -7.80
C29 53D B . -1.95 -5.75 -8.51
N27 53D B . -1.18 -5.17 -7.35
C26 53D B . -1.99 -4.07 -6.67
C25 53D B . -1.17 -3.28 -5.63
C24 53D B . -2.09 -2.21 -4.99
O22 53D B . -3.21 -1.95 -2.49
N23 53D B . -1.50 -1.46 -3.87
C11 53D B . 1.00 -2.50 0.66
C22 53D B . -2.11 -1.43 -2.68
O4 53D B . -2.20 1.36 -1.57
F9 53D B . 0.22 3.82 2.05
C6 53D B . -0.53 -1.70 -0.85
N1 53D B . 0.22 -1.38 0.21
C10 53D B . -0.62 2.18 0.53
C9 53D B . 0.21 2.53 1.57
H7 53D B . 1.74 -0.41 2.23
H132 53D B . 1.93 -3.06 2.54
H131 53D B . 0.28 -2.56 3.01
H211 53D B . 1.12 5.61 6.67
H213 53D B . 2.64 4.82 7.27
H212 53D B . 1.08 3.88 7.25
H202 53D B . 2.27 5.05 4.68
H201 53D B . 1.09 3.66 4.91
H181 53D B . 3.49 1.23 6.17
H182 53D B . 1.78 1.87 6.26
H161 53D B . 4.01 4.32 3.67
H162 53D B . 4.98 2.85 4.16
H192 53D B . 3.22 0.40 4.09
H191 53D B . 1.49 0.24 4.65
H152 53D B . 3.14 3.09 1.95
H151 53D B . 3.95 1.59 2.60
H121 53D B . 1.07 -4.71 0.88
H122 53D B . -0.45 -4.34 0.91
H282 53D B . 0.87 -5.58 -7.82
H281 53D B . 0.57 -3.95 -7.09
H283 53D B . 0.11 -4.26 -8.81
H291 53D B . -3.04 -5.73 -8.29
H293 53D B . -1.73 -5.18 -9.44
H292 53D B . -1.64 -6.81 -8.66
H261 53D B . -2.86 -4.58 -6.17
H262 53D B . -2.39 -3.40 -7.48
H252 53D B . -0.28 -2.78 -6.11
H251 53D B . -0.75 -3.94 -4.82
H242 53D B . -2.98 -2.73 -4.58
H241 53D B . -2.38 -1.47 -5.77
H23 53D B . -0.61 -1.01 -4.00
H11 53D B . 1.84 -2.16 0.05
H6 53D B . -0.43 -2.75 -1.15
H10 53D B . -1.30 2.91 0.03
C5 53D B . -1.36 -0.81 -1.63
C2 53D B . 0.21 -0.03 0.60
C7 53D B . 1.03 0.35 1.67
N14 53D B . 1.89 2.03 3.25
C13 53D B . 0.87 -2.84 2.02
C8 53D B . 1.00 1.65 2.11
C4 53D B . -1.48 0.55 -1.17
C3 53D B . -0.62 0.91 -0.01
C21 53D B . 5.52 4.50 6.10
C20 53D B . 4.27 3.68 6.36
C18 53D B . 2.74 1.85 5.54
N17 53D B . 3.94 2.73 5.19
C16 53D B . 3.78 3.48 3.88
C19 53D B . 2.27 1.03 4.35
C15 53D B . 3.22 2.59 2.78
C12 53D B . 0.48 -3.77 0.94
C28 53D B . -6.46 0.22 -5.34
C29 53D B . -5.39 -0.58 -7.43
N27 53D B . -5.15 -0.01 -6.05
C26 53D B . -4.20 -0.88 -5.25
C25 53D B . -2.90 -1.24 -6.03
C24 53D B . -2.02 -2.13 -5.12
O22 53D B . -3.19 -1.91 -2.64
N23 53D B . -1.47 -1.40 -4.00
C11 53D B . 0.99 -2.45 0.56
C22 53D B . -2.08 -1.38 -2.80
O4 53D B . -2.20 1.42 -1.68
F9 53D B . 0.16 3.86 1.98
C6 53D B . -0.53 -1.65 -0.96
N1 53D B . 0.21 -1.32 0.11
C10 53D B . -0.65 2.22 0.44
C9 53D B . 0.16 2.57 1.49
H7 53D B . 1.69 -0.36 2.15
H132 53D B . 1.88 -3.02 2.46
H131 53D B . 0.23 -2.52 2.90
H211 53D B . 5.54 4.82 5.04
H213 53D B . 6.42 3.88 6.32
H212 53D B . 5.52 5.40 6.76
H202 53D B . 3.41 4.37 6.51
H201 53D B . 4.45 3.06 7.27
H181 53D B . 3.04 1.17 6.36
H182 53D B . 1.91 2.52 5.86
H161 53D B . 3.06 4.32 4.05
H162 53D B . 4.77 3.86 3.56
H192 53D B . 3.17 0.44 4.02
H191 53D B . 1.44 0.35 4.66
H152 53D B . 3.02 3.15 1.85
H151 53D B . 3.92 1.75 2.59
H121 53D B . 1.07 -4.66 0.77
H122 53D B . -0.44 -4.30 0.77
H282 53D B . -6.90 1.19 -5.68
H281 53D B . -6.29 0.26 -4.24
H283 53D B . -7.17 -0.61 -5.58
H291 53D B . -5.65 0.25 -8.13
H293 53D B . -4.48 -1.11 -7.78
H292 53D B . -6.24 -1.30 -7.38
H261 53D B . -4.77 -1.82 -4.98
H262 53D B . -3.96 -0.33 -4.29
H252 53D B . -2.33 -0.32 -6.31
H251 53D B . -3.14 -1.76 -7.00
H242 53D B . -1.15 -2.53 -5.71
H241 53D B . -2.64 -2.96 -4.71
H23 53D B . -0.57 -0.94 -4.10
H11 53D B . 1.84 -2.09 -0.03
H6 53D B . -0.41 -2.69 -1.26
H10 53D B . -1.33 2.96 -0.06
C5 53D B . -1.32 -0.78 -1.52
C2 53D B . 0.25 0.00 0.71
C7 53D B . 1.07 0.38 1.78
N14 53D B . 1.94 2.07 3.36
C13 53D B . 0.90 -2.80 2.12
C8 53D B . 1.05 1.67 2.22
C4 53D B . -1.44 0.58 -1.07
C3 53D B . -0.58 0.94 0.09
C21 53D B . 5.59 4.51 6.21
C20 53D B . 4.33 3.70 6.47
C18 53D B . 2.80 1.88 5.65
N17 53D B . 3.99 2.74 5.29
C16 53D B . 3.83 3.50 3.98
C19 53D B . 2.32 1.05 4.46
C15 53D B . 3.27 2.61 2.89
C12 53D B . 0.51 -3.74 1.04
C28 53D B . -6.53 -3.94 -4.11
C29 53D B . -4.55 -4.94 -3.03
N27 53D B . -5.07 -4.27 -4.28
C26 53D B . -4.23 -3.06 -4.66
C25 53D B . -2.71 -3.38 -4.69
C24 53D B . -1.95 -2.08 -5.04
O22 53D B . -3.15 -1.87 -2.52
N23 53D B . -1.42 -1.36 -3.89
C11 53D B . 1.01 -2.42 0.67
C22 53D B . -2.04 -1.35 -2.69
O4 53D B . -2.16 1.45 -1.57
F9 53D B . 0.22 3.90 2.08
C6 53D B . -0.50 -1.61 -0.85
N1 53D B . 0.24 -1.29 0.21
C10 53D B . -0.61 2.26 0.54
C9 53D B . 0.20 2.60 1.61
H7 53D B . 1.74 -0.34 2.26
H132 53D B . 1.92 -3.00 2.56
H131 53D B . 0.27 -2.49 3.00
H211 53D B . 6.48 3.88 6.42
H213 53D B . 5.59 5.41 6.87
H212 53D B . 5.61 4.83 5.14
H202 53D B . 3.48 4.40 6.61
H201 53D B . 4.50 3.07 7.38
H181 53D B . 3.09 1.18 6.46
H182 53D B . 1.97 2.54 5.96
H161 53D B . 3.12 4.34 4.16
H162 53D B . 4.83 3.87 3.67
H192 53D B . 3.20 0.46 4.12
H191 53D B . 1.48 0.38 4.77
H152 53D B . 3.08 3.17 1.95
H151 53D B . 3.96 1.77 2.70
H121 53D B . 1.10 -4.63 0.88
H122 53D B . -0.41 -4.27 0.88
H282 53D B . -6.72 -3.59 -3.07
H281 53D B . -7.15 -4.84 -4.32
H283 53D B . -6.81 -3.13 -4.83
H291 53D B . -4.81 -6.02 -3.04
H293 53D B . -3.45 -4.82 -2.98
H292 53D B . -5.00 -4.46 -2.13
H261 53D B . -4.45 -2.27 -3.90
H262 53D B . -4.59 -2.71 -5.66
H252 53D B . -2.47 -4.19 -5.43
H251 53D B . -2.35 -3.75 -3.69
H242 53D B . -2.67 -1.39 -5.54
H241 53D B . -1.09 -2.30 -5.72
H23 53D B . -0.53 -0.89 -3.98
H11 53D B . 1.87 -2.07 0.08
H6 53D B . -0.38 -2.66 -1.15
H10 53D B . -1.28 2.99 0.04
C5 53D B . -1.30 -0.72 -1.38
C2 53D B . 0.28 0.01 0.86
C7 53D B . 1.11 0.38 1.93
N14 53D B . 1.99 2.04 3.53
C13 53D B . 0.95 -2.82 2.23
C8 53D B . 1.09 1.66 2.39
C4 53D B . -1.41 0.63 -0.89
C3 53D B . -0.55 0.97 0.26
C21 53D B . 5.73 4.32 6.47
C20 53D B . 4.39 3.63 6.65
C18 53D B . 2.85 1.82 5.81
N17 53D B . 4.05 2.69 5.47
C16 53D B . 3.89 3.46 4.17
C19 53D B . 2.36 1.01 4.61
C15 53D B . 3.31 2.60 3.06
C12 53D B . 0.54 -3.73 1.14
C28 53D B . -3.19 -6.20 -4.66
C29 53D B . -4.26 -5.97 -6.89
N27 53D B . -3.94 -5.27 -5.59
C26 53D B . -3.22 -3.95 -5.84
C25 53D B . -2.65 -3.32 -4.54
C24 53D B . -1.97 -1.99 -4.90
O22 53D B . -3.14 -1.79 -2.39
N23 53D B . -1.42 -1.27 -3.75
C11 53D B . 1.05 -2.40 0.79
C22 53D B . -2.03 -1.27 -2.55
O4 53D B . -2.14 1.51 -1.38
F9 53D B . 0.26 3.89 2.29
C6 53D B . -0.47 -1.57 -0.72
N1 53D B . 0.27 -1.27 0.36
C10 53D B . -0.57 2.28 0.73
C9 53D B . 0.24 2.60 1.79
H7 53D B . 1.78 -0.34 2.40
H132 53D B . 1.97 -3.02 2.65
H131 53D B . 0.34 -2.52 3.13
H211 53D B . 5.84 4.63 5.40
H213 53D B . 6.55 3.62 6.75
H212 53D B . 5.78 5.23 7.12
H202 53D B . 3.60 4.40 6.74
H201 53D B . 4.46 3.00 7.57
H181 53D B . 3.14 1.12 6.63
H182 53D B . 2.03 2.49 6.14
H161 53D B . 3.18 4.30 4.36
H162 53D B . 4.88 3.85 3.85
H192 53D B . 3.24 0.42 4.27
H191 53D B . 1.53 0.34 4.92
H152 53D B . 3.12 3.16 2.13
H151 53D B . 4.01 1.75 2.86
H121 53D B . 1.12 -4.61 0.94
H122 53D B . -0.39 -4.25 0.98
H282 53D B . -2.47 -6.82 -5.26
H281 53D B . -3.90 -6.87 -4.15
H283 53D B . -2.63 -5.60 -3.92
H291 53D B . -5.17 -6.60 -6.75
H293 53D B . -4.44 -5.21 -7.68
H292 53D B . -3.41 -6.63 -7.18
H261 53D B . -3.98 -3.27 -6.31
H262 53D B . -2.40 -4.16 -6.59
H252 53D B . -1.91 -4.00 -4.03
H251 53D B . -3.46 -3.13 -3.77
H242 53D B . -2.74 -1.32 -5.36
H241 53D B . -1.14 -2.18 -5.61
H23 53D B . -0.52 -0.81 -3.85
H11 53D B . 1.89 -2.05 0.19
H6 53D B . -0.37 -2.62 -1.03
H10 53D B . -1.25 3.02 0.24
C5 53D B . -1.37 -0.49 -1.53
C2 53D B . 0.15 0.11 0.79
C7 53D B . 0.96 0.41 1.90
N14 53D B . 1.82 1.97 3.59
C13 53D B . 0.67 -2.80 2.08
C8 53D B . 0.96 1.68 2.41
C4 53D B . -1.45 0.84 -1.01
C3 53D B . -0.62 1.11 0.20
C21 53D B . 5.41 4.21 6.62
C20 53D B . 4.17 3.37 6.85
C18 53D B . 2.59 1.65 5.90
N17 53D B . 3.83 2.48 5.62
C16 53D B . 3.75 3.29 4.35
C19 53D B . 2.12 0.90 4.65
C15 53D B . 3.19 2.48 3.18
C12 53D B . 0.26 -3.66 0.95
C28 53D B . -5.09 0.30 -7.52
C29 53D B . -4.76 -1.43 -9.26
N27 53D B . -4.09 -0.58 -8.20
C26 53D B . -3.28 -1.45 -7.24
C25 53D B . -2.78 -0.67 -6.00
C24 53D B . -1.96 -1.62 -5.10
O22 53D B . -3.21 -1.47 -2.65
N23 53D B . -1.42 -0.97 -3.92
C11 53D B . 0.83 -2.34 0.66
C22 53D B . -2.07 -0.98 -2.76
O4 53D B . -2.12 1.76 -1.49
F9 53D B . 0.22 3.93 2.35
C6 53D B . -0.60 -1.40 -0.87
N1 53D B . 0.11 -1.15 0.24
C10 53D B . -0.61 2.40 0.71
C9 53D B . 0.17 2.67 1.80
H7 53D B . 1.56 -0.36 2.37
H132 53D B . 1.67 -3.06 2.52
H131 53D B . 0.04 -2.52 2.98
H211 53D B . 5.40 4.60 5.59
H213 53D B . 6.32 3.60 6.79
H212 53D B . 5.40 5.07 7.34
H202 53D B . 3.30 4.03 7.06
H201 53D B . 4.36 2.69 7.72
H181 53D B . 2.82 0.91 6.70
H182 53D B . 1.78 2.34 6.21
H161 53D B . 3.08 4.16 4.52
H162 53D B . 4.78 3.64 4.08
H192 53D B . 2.97 0.28 4.33
H191 53D B . 1.24 0.26 4.91
H152 53D B . 3.06 3.10 2.28
H151 53D B . 3.86 1.62 2.99
H121 53D B . 0.82 -4.55 0.73
H122 53D B . -0.68 -4.13 0.72
H282 53D B . -4.70 0.61 -6.52
H281 53D B . -6.05 -0.27 -7.38
H283 53D B . -5.28 1.21 -8.13
H291 53D B . -4.13 -2.32 -9.47
H293 53D B . -5.76 -1.75 -8.89
H292 53D B . -4.87 -0.83 -10.19
H261 53D B . -2.42 -1.86 -7.83
H262 53D B . -3.95 -2.31 -6.93
H252 53D B . -3.62 -0.23 -5.40
H251 53D B . -2.12 0.21 -6.29
H242 53D B . -1.10 -2.00 -5.69
H241 53D B . -2.62 -2.46 -4.77
H23 53D B . -0.50 -0.53 -3.98
H11 53D B . 1.71 -1.99 0.11
H6 53D B . -0.51 -2.44 -1.23
H10 53D B . -1.24 3.19 0.22
#